data_7UXV
#
_entry.id   7UXV
#
_cell.length_a   65.120
_cell.length_b   75.250
_cell.length_c   92.800
_cell.angle_alpha   90.000
_cell.angle_beta   90.000
_cell.angle_gamma   90.000
#
_symmetry.space_group_name_H-M   'P 21 21 21'
#
loop_
_entity.id
_entity.type
_entity.pdbx_description
1 polymer 'Triosephosphate isomerase'
2 non-polymer '2-PHOSPHOGLYCOLIC ACID'
3 non-polymer GLYCEROL
4 non-polymer 'ISOPROPYL ALCOHOL'
5 water water
#
_entity_poly.entity_id   1
_entity_poly.type   'polypeptide(L)'
_entity_poly.pdbx_seq_one_letter_code
;MAPSRKFFVGGNWKMNGRKQSLGELIGTLNAAKVPADTEVVCAPPTAYIDFARQKLDPKIAVAAQNCYKVTNGAFTGEIS
PGMIKDCGATWVVLGHSERRHVFGESDELIGQKVAHALAEGLRVIACIGEKLDEREAGITEKVVFEQTKVIADNVKDWSK
VVLAYEPVWAIGTGKTATPQQAQEVHEKLRGWLKSNVSDAVAQSTRIIYGGSVTGATCKELASQPDVDGFLVGGASLKPE
FVDIINAKQ
;
_entity_poly.pdbx_strand_id   A,B
#
loop_
_chem_comp.id
_chem_comp.type
_chem_comp.name
_chem_comp.formula
GOL non-polymer GLYCEROL 'C3 H8 O3'
IPA non-polymer 'ISOPROPYL ALCOHOL' 'C3 H8 O'
PGA non-polymer '2-PHOSPHOGLYCOLIC ACID' 'C2 H5 O6 P'
#
# COMPACT_ATOMS: atom_id res chain seq x y z
N SER A 4 19.23 -30.73 -0.89
CA SER A 4 18.68 -30.22 0.40
C SER A 4 17.82 -28.94 0.27
N ARG A 5 18.11 -28.08 -0.71
CA ARG A 5 17.30 -26.86 -0.95
C ARG A 5 15.86 -27.23 -1.26
N LYS A 6 14.94 -26.85 -0.39
CA LYS A 6 13.53 -27.17 -0.57
C LYS A 6 12.97 -26.30 -1.71
N PHE A 7 12.30 -26.95 -2.67
CA PHE A 7 11.70 -26.27 -3.83
C PHE A 7 10.69 -25.22 -3.35
N PHE A 8 10.74 -24.03 -3.94
CA PHE A 8 9.97 -22.87 -3.45
C PHE A 8 9.12 -22.26 -4.55
N VAL A 9 7.81 -22.30 -4.36
CA VAL A 9 6.87 -21.74 -5.34
C VAL A 9 6.04 -20.64 -4.66
N GLY A 10 6.38 -19.39 -4.97
CA GLY A 10 5.62 -18.22 -4.52
C GLY A 10 4.61 -17.78 -5.56
N GLY A 11 3.38 -17.51 -5.13
CA GLY A 11 2.32 -17.00 -6.00
C GLY A 11 2.02 -15.55 -5.69
N ASN A 12 2.42 -14.67 -6.59
CA ASN A 12 2.20 -13.24 -6.42
C ASN A 12 0.91 -12.86 -7.13
N TRP A 13 -0.15 -12.68 -6.34
CA TRP A 13 -1.47 -12.35 -6.91
C TRP A 13 -1.53 -10.89 -7.42
N LYS A 14 -0.56 -10.07 -7.02
CA LYS A 14 -0.50 -8.66 -7.39
C LYS A 14 -1.81 -7.95 -7.00
N MET A 15 -2.29 -7.00 -7.80
CA MET A 15 -3.53 -6.29 -7.46
C MET A 15 -4.68 -6.93 -8.24
N ASN A 16 -5.05 -8.15 -7.84
CA ASN A 16 -6.08 -8.91 -8.53
C ASN A 16 -6.97 -9.62 -7.54
N GLY A 17 -8.23 -9.78 -7.92
CA GLY A 17 -9.18 -10.59 -7.19
C GLY A 17 -10.03 -9.85 -6.17
N ARG A 18 -11.14 -10.49 -5.80
CA ARG A 18 -12.02 -10.02 -4.73
C ARG A 18 -12.23 -11.20 -3.83
N LYS A 19 -12.93 -11.00 -2.72
CA LYS A 19 -13.21 -12.09 -1.77
C LYS A 19 -13.84 -13.32 -2.43
N GLN A 20 -14.71 -13.10 -3.41
CA GLN A 20 -15.43 -14.19 -4.09
C GLN A 20 -14.47 -15.02 -4.96
N SER A 21 -13.76 -14.35 -5.87
CA SER A 21 -12.83 -15.04 -6.77
C SER A 21 -11.62 -15.63 -6.04
N LEU A 22 -11.08 -14.89 -5.07
CA LEU A 22 -9.93 -15.38 -4.28
C LEU A 22 -10.32 -16.50 -3.30
N GLY A 23 -11.54 -16.45 -2.77
CA GLY A 23 -12.12 -17.56 -2.03
C GLY A 23 -12.15 -18.84 -2.86
N GLU A 24 -12.62 -18.72 -4.10
CA GLU A 24 -12.65 -19.87 -5.02
C GLU A 24 -11.25 -20.42 -5.29
N LEU A 25 -10.30 -19.53 -5.58
CA LEU A 25 -8.89 -19.91 -5.77
C LEU A 25 -8.30 -20.63 -4.54
N ILE A 26 -8.60 -20.12 -3.34
CA ILE A 26 -8.12 -20.74 -2.10
C ILE A 26 -8.70 -22.15 -1.87
N GLY A 27 -9.95 -22.36 -2.27
CA GLY A 27 -10.55 -23.69 -2.25
C GLY A 27 -9.76 -24.71 -3.05
N THR A 28 -9.35 -24.31 -4.26
CA THR A 28 -8.49 -25.14 -5.12
C THR A 28 -7.14 -25.47 -4.46
N LEU A 29 -6.48 -24.47 -3.87
CA LEU A 29 -5.18 -24.67 -3.23
C LEU A 29 -5.27 -25.49 -1.94
N ASN A 30 -6.35 -25.30 -1.19
CA ASN A 30 -6.64 -26.15 -0.01
C ASN A 30 -6.80 -27.62 -0.38
N ALA A 31 -7.49 -27.88 -1.48
CA ALA A 31 -7.74 -29.25 -1.95
C ALA A 31 -6.52 -29.88 -2.61
N ALA A 32 -5.60 -29.07 -3.13
CA ALA A 32 -4.45 -29.56 -3.88
C ALA A 32 -3.43 -30.25 -2.99
N LYS A 33 -2.87 -31.35 -3.49
CA LYS A 33 -1.80 -32.07 -2.81
C LYS A 33 -0.48 -31.35 -3.07
N VAL A 34 0.09 -30.78 -2.01
CA VAL A 34 1.40 -30.15 -2.06
C VAL A 34 2.48 -31.23 -1.86
N PRO A 35 3.48 -31.31 -2.75
CA PRO A 35 4.59 -32.25 -2.53
C PRO A 35 5.37 -31.99 -1.24
N ALA A 36 5.88 -33.06 -0.64
CA ALA A 36 6.67 -32.98 0.60
C ALA A 36 7.94 -32.16 0.43
N ASP A 37 8.51 -32.19 -0.78
CA ASP A 37 9.75 -31.46 -1.07
C ASP A 37 9.56 -29.98 -1.49
N THR A 38 8.35 -29.44 -1.36
CA THR A 38 8.00 -28.11 -1.88
C THR A 38 7.39 -27.20 -0.80
N GLU A 39 7.87 -25.95 -0.74
CA GLU A 39 7.33 -24.89 0.12
C GLU A 39 6.50 -23.90 -0.72
N VAL A 40 5.24 -23.70 -0.35
CA VAL A 40 4.31 -22.84 -1.08
C VAL A 40 3.94 -21.59 -0.27
N VAL A 41 4.00 -20.43 -0.93
CA VAL A 41 3.65 -19.14 -0.35
C VAL A 41 2.78 -18.35 -1.33
N CYS A 42 1.69 -17.76 -0.83
CA CYS A 42 0.81 -16.91 -1.64
C CYS A 42 0.84 -15.47 -1.12
N ALA A 43 0.97 -14.51 -2.03
CA ALA A 43 1.00 -13.08 -1.71
C ALA A 43 -0.28 -12.40 -2.19
N PRO A 44 -1.29 -12.28 -1.32
CA PRO A 44 -2.52 -11.62 -1.72
C PRO A 44 -2.39 -10.10 -1.69
N PRO A 45 -3.32 -9.38 -2.33
CA PRO A 45 -3.40 -7.93 -2.14
C PRO A 45 -3.51 -7.59 -0.64
N THR A 46 -2.92 -6.47 -0.26
CA THR A 46 -2.79 -6.09 1.15
C THR A 46 -4.11 -6.07 1.91
N ALA A 47 -5.19 -5.67 1.24
CA ALA A 47 -6.55 -5.67 1.80
C ALA A 47 -7.06 -7.08 2.17
N TYR A 48 -6.45 -8.12 1.59
CA TYR A 48 -6.87 -9.51 1.79
C TYR A 48 -5.83 -10.43 2.45
N ILE A 49 -4.80 -9.87 3.09
CA ILE A 49 -3.83 -10.72 3.80
C ILE A 49 -4.56 -11.51 4.89
N ASP A 50 -5.35 -10.80 5.68
CA ASP A 50 -6.10 -11.39 6.80
C ASP A 50 -7.12 -12.42 6.31
N PHE A 51 -7.98 -12.02 5.38
CA PHE A 51 -8.94 -12.91 4.71
C PHE A 51 -8.28 -14.19 4.20
N ALA A 52 -7.18 -14.03 3.45
CA ALA A 52 -6.47 -15.14 2.83
C ALA A 52 -5.84 -16.10 3.83
N ARG A 53 -5.23 -15.56 4.89
CA ARG A 53 -4.66 -16.38 5.96
C ARG A 53 -5.76 -17.19 6.69
N GLN A 54 -6.92 -16.59 6.91
CA GLN A 54 -8.04 -17.28 7.54
C GLN A 54 -8.57 -18.44 6.71
N LYS A 55 -8.72 -18.22 5.40
CA LYS A 55 -9.30 -19.22 4.50
C LYS A 55 -8.31 -20.31 4.08
N LEU A 56 -7.03 -19.94 3.89
CA LEU A 56 -6.02 -20.91 3.44
C LEU A 56 -5.66 -21.93 4.52
N ASP A 57 -5.35 -23.13 4.06
CA ASP A 57 -4.81 -24.20 4.87
C ASP A 57 -3.38 -23.82 5.34
N PRO A 58 -2.99 -24.17 6.59
CA PRO A 58 -1.63 -23.94 7.11
C PRO A 58 -0.46 -24.43 6.26
N LYS A 59 -0.69 -25.44 5.41
CA LYS A 59 0.34 -25.91 4.47
C LYS A 59 0.82 -24.83 3.49
N ILE A 60 -0.04 -23.84 3.24
CA ILE A 60 0.30 -22.64 2.46
C ILE A 60 0.60 -21.50 3.44
N ALA A 61 1.79 -20.90 3.31
CA ALA A 61 2.13 -19.68 4.06
C ALA A 61 1.62 -18.44 3.32
N VAL A 62 1.46 -17.32 4.03
CA VAL A 62 0.98 -16.06 3.42
C VAL A 62 2.06 -14.98 3.45
N ALA A 63 2.20 -14.26 2.33
CA ALA A 63 3.16 -13.15 2.20
C ALA A 63 2.44 -11.81 1.98
N ALA A 64 2.96 -10.75 2.61
CA ALA A 64 2.60 -9.40 2.19
C ALA A 64 3.33 -9.09 0.89
N GLN A 65 2.71 -8.29 0.04
CA GLN A 65 3.29 -7.88 -1.24
C GLN A 65 4.36 -6.80 -1.09
N ASN A 66 4.38 -6.11 0.05
CA ASN A 66 5.30 -5.02 0.35
C ASN A 66 5.13 -4.67 1.84
N CYS A 67 6.05 -3.88 2.39
CA CYS A 67 5.87 -3.29 3.72
C CYS A 67 6.76 -2.06 3.86
N TYR A 68 6.64 -1.35 4.98
CA TYR A 68 7.51 -0.21 5.29
C TYR A 68 8.54 -0.59 6.38
N LYS A 69 9.34 0.38 6.84
CA LYS A 69 10.60 0.13 7.54
C LYS A 69 10.63 0.53 9.02
N VAL A 70 9.47 0.94 9.55
CA VAL A 70 9.28 1.15 10.99
C VAL A 70 8.03 0.42 11.44
N THR A 71 7.95 0.16 12.73
CA THR A 71 6.87 -0.64 13.32
C THR A 71 5.52 0.07 13.28
N ASN A 72 5.53 1.38 13.51
CA ASN A 72 4.36 2.24 13.49
C ASN A 72 4.82 3.65 13.13
N GLY A 73 3.98 4.43 12.48
CA GLY A 73 4.31 5.81 12.19
C GLY A 73 3.33 6.52 11.29
N ALA A 74 3.60 7.82 11.08
CA ALA A 74 2.77 8.66 10.24
C ALA A 74 3.12 8.40 8.77
N PHE A 75 2.66 7.26 8.26
CA PHE A 75 2.90 6.84 6.87
C PHE A 75 1.60 6.29 6.29
N THR A 76 0.72 7.23 5.98
CA THR A 76 -0.58 6.94 5.38
C THR A 76 -0.40 6.02 4.16
N GLY A 77 -1.16 4.93 4.13
CA GLY A 77 -1.09 3.95 3.05
C GLY A 77 -0.09 2.82 3.22
N GLU A 78 0.77 2.87 4.24
CA GLU A 78 1.76 1.81 4.46
C GLU A 78 1.32 0.78 5.50
N ILE A 79 1.99 -0.37 5.50
CA ILE A 79 1.84 -1.37 6.56
C ILE A 79 3.23 -1.82 7.03
N SER A 80 3.30 -2.27 8.27
CA SER A 80 4.56 -2.67 8.89
C SER A 80 4.64 -4.20 9.02
N PRO A 81 5.85 -4.75 9.19
CA PRO A 81 6.00 -6.17 9.51
C PRO A 81 5.17 -6.65 10.69
N GLY A 82 5.08 -5.82 11.74
CA GLY A 82 4.21 -6.11 12.88
C GLY A 82 2.75 -6.36 12.51
N MET A 83 2.22 -5.55 11.61
CA MET A 83 0.85 -5.73 11.13
C MET A 83 0.71 -7.02 10.34
N ILE A 84 1.71 -7.31 9.51
CA ILE A 84 1.72 -8.49 8.65
C ILE A 84 1.70 -9.78 9.48
N LYS A 85 2.56 -9.83 10.51
CA LYS A 85 2.54 -10.92 11.49
C LYS A 85 1.22 -11.00 12.24
N ASP A 86 0.73 -9.84 12.67
CA ASP A 86 -0.55 -9.75 13.38
C ASP A 86 -1.72 -10.37 12.59
N CYS A 87 -1.66 -10.29 11.26
CA CYS A 87 -2.63 -10.97 10.37
C CYS A 87 -2.29 -12.43 10.06
N GLY A 88 -1.22 -12.96 10.67
CA GLY A 88 -0.82 -14.36 10.51
C GLY A 88 0.11 -14.67 9.35
N ALA A 89 0.47 -13.66 8.54
CA ALA A 89 1.43 -13.84 7.44
C ALA A 89 2.82 -13.99 8.01
N THR A 90 3.64 -14.83 7.37
CA THR A 90 5.02 -15.07 7.81
C THR A 90 6.09 -14.58 6.82
N TRP A 91 5.67 -14.13 5.63
CA TRP A 91 6.57 -13.64 4.59
C TRP A 91 6.21 -12.21 4.17
N VAL A 92 7.17 -11.56 3.53
CA VAL A 92 6.93 -10.34 2.77
C VAL A 92 7.75 -10.37 1.48
N VAL A 93 7.16 -9.93 0.37
CA VAL A 93 7.90 -9.71 -0.87
C VAL A 93 8.47 -8.29 -0.82
N LEU A 94 9.78 -8.16 -1.04
CA LEU A 94 10.43 -6.84 -1.07
C LEU A 94 11.30 -6.68 -2.33
N GLY A 95 11.35 -5.46 -2.83
CA GLY A 95 12.11 -5.13 -4.02
C GLY A 95 11.53 -5.63 -5.33
N HIS A 96 10.24 -5.95 -5.34
CA HIS A 96 9.59 -6.43 -6.57
C HIS A 96 9.72 -5.38 -7.69
N SER A 97 9.89 -5.84 -8.92
CA SER A 97 10.17 -4.95 -10.06
C SER A 97 9.17 -3.80 -10.23
N GLU A 98 7.91 -4.09 -9.93
CA GLU A 98 6.86 -3.08 -9.93
C GLU A 98 7.06 -2.00 -8.85
N ARG A 99 7.53 -2.39 -7.67
CA ARG A 99 7.85 -1.39 -6.63
C ARG A 99 9.03 -0.52 -7.05
N ARG A 100 10.04 -1.15 -7.64
CA ARG A 100 11.25 -0.45 -8.07
C ARG A 100 10.98 0.49 -9.24
N HIS A 101 10.31 -0.02 -10.28
CA HIS A 101 10.25 0.65 -11.59
C HIS A 101 8.94 1.34 -11.94
N VAL A 102 7.85 1.02 -11.23
CA VAL A 102 6.61 1.80 -11.33
C VAL A 102 6.51 2.81 -10.18
N PHE A 103 6.96 2.44 -8.98
CA PHE A 103 6.76 3.26 -7.78
C PHE A 103 8.05 3.87 -7.20
N GLY A 104 9.14 3.74 -7.92
CA GLY A 104 10.38 4.45 -7.59
C GLY A 104 11.10 4.03 -6.32
N GLU A 105 10.87 2.80 -5.84
CA GLU A 105 11.52 2.35 -4.60
C GLU A 105 13.02 2.08 -4.81
N SER A 106 13.85 2.88 -4.13
CA SER A 106 15.30 2.78 -4.28
C SER A 106 15.86 1.56 -3.57
N ASP A 107 17.08 1.19 -3.96
CA ASP A 107 17.85 0.15 -3.27
C ASP A 107 18.04 0.45 -1.78
N GLU A 108 18.37 1.69 -1.47
CA GLU A 108 18.59 2.13 -0.09
C GLU A 108 17.35 1.86 0.75
N LEU A 109 16.19 2.28 0.24
CA LEU A 109 14.91 2.04 0.91
C LEU A 109 14.63 0.54 1.06
N ILE A 110 14.88 -0.23 0.00
CA ILE A 110 14.60 -1.68 -0.01
C ILE A 110 15.49 -2.42 0.99
N GLY A 111 16.77 -2.07 1.05
CA GLY A 111 17.68 -2.62 2.04
C GLY A 111 17.20 -2.38 3.46
N GLN A 112 16.73 -1.16 3.72
CA GLN A 112 16.20 -0.79 5.04
C GLN A 112 14.93 -1.57 5.39
N LYS A 113 14.07 -1.82 4.40
CA LYS A 113 12.88 -2.67 4.59
C LYS A 113 13.23 -4.12 4.92
N VAL A 114 14.24 -4.65 4.23
CA VAL A 114 14.71 -6.01 4.43
C VAL A 114 15.20 -6.17 5.88
N ALA A 115 16.09 -5.29 6.32
CA ALA A 115 16.60 -5.32 7.70
C ALA A 115 15.47 -5.26 8.73
N HIS A 116 14.50 -4.37 8.52
CA HIS A 116 13.41 -4.22 9.46
C HIS A 116 12.47 -5.43 9.46
N ALA A 117 12.11 -5.93 8.28
CA ALA A 117 11.29 -7.12 8.16
C ALA A 117 11.94 -8.31 8.87
N LEU A 118 13.22 -8.50 8.60
CA LEU A 118 13.99 -9.60 9.21
C LEU A 118 14.13 -9.46 10.73
N ALA A 119 14.46 -8.26 11.20
CA ALA A 119 14.54 -7.99 12.64
C ALA A 119 13.20 -8.27 13.36
N GLU A 120 12.08 -7.99 12.67
CA GLU A 120 10.73 -8.21 13.20
C GLU A 120 10.23 -9.66 13.12
N GLY A 121 10.99 -10.55 12.49
CA GLY A 121 10.66 -11.99 12.47
C GLY A 121 9.96 -12.49 11.22
N LEU A 122 9.87 -11.67 10.17
CA LEU A 122 9.34 -12.13 8.89
C LEU A 122 10.43 -12.80 8.07
N ARG A 123 10.01 -13.64 7.14
CA ARG A 123 10.88 -14.17 6.08
C ARG A 123 10.69 -13.28 4.85
N VAL A 124 11.71 -13.17 4.02
CA VAL A 124 11.72 -12.21 2.92
C VAL A 124 11.99 -12.88 1.58
N ILE A 125 11.10 -12.65 0.62
CA ILE A 125 11.38 -12.90 -0.80
C ILE A 125 11.92 -11.58 -1.32
N ALA A 126 13.24 -11.53 -1.55
CA ALA A 126 13.93 -10.31 -1.98
C ALA A 126 14.17 -10.37 -3.48
N CYS A 127 13.59 -9.41 -4.21
CA CYS A 127 13.60 -9.45 -5.68
C CYS A 127 14.65 -8.53 -6.28
N ILE A 128 15.34 -9.05 -7.30
CA ILE A 128 16.33 -8.29 -8.08
C ILE A 128 16.09 -8.56 -9.56
N GLY A 129 16.73 -7.74 -10.40
CA GLY A 129 16.67 -7.91 -11.84
C GLY A 129 16.98 -6.68 -12.65
N GLU A 130 17.49 -6.90 -13.86
CA GLU A 130 17.91 -5.84 -14.77
C GLU A 130 16.86 -5.55 -15.85
N LYS A 131 16.75 -4.28 -16.25
CA LYS A 131 15.89 -3.88 -17.37
C LYS A 131 16.58 -4.16 -18.71
N LEU A 132 15.89 -3.90 -19.82
CA LEU A 132 16.40 -4.21 -21.15
C LEU A 132 17.61 -3.36 -21.54
N ASP A 133 17.53 -2.05 -21.33
CA ASP A 133 18.68 -1.15 -21.56
C ASP A 133 19.95 -1.63 -20.82
N GLU A 134 19.77 -2.06 -19.58
CA GLU A 134 20.87 -2.57 -18.76
C GLU A 134 21.44 -3.89 -19.31
N ARG A 135 20.56 -4.82 -19.69
CA ARG A 135 21.02 -6.09 -20.26
C ARG A 135 21.79 -5.89 -21.57
N GLU A 136 21.27 -5.02 -22.44
CA GLU A 136 21.88 -4.77 -23.74
C GLU A 136 23.18 -3.98 -23.70
N ALA A 137 23.34 -3.12 -22.69
CA ALA A 137 24.61 -2.42 -22.44
C ALA A 137 25.67 -3.34 -21.80
N GLY A 138 25.28 -4.55 -21.40
CA GLY A 138 26.21 -5.58 -20.91
C GLY A 138 26.34 -5.64 -19.40
N ILE A 139 25.51 -4.88 -18.67
CA ILE A 139 25.69 -4.70 -17.23
C ILE A 139 24.69 -5.50 -16.36
N THR A 140 24.28 -6.67 -16.86
CA THR A 140 23.40 -7.59 -16.10
C THR A 140 24.04 -7.96 -14.76
N GLU A 141 25.26 -8.46 -14.81
CA GLU A 141 25.99 -8.86 -13.60
C GLU A 141 26.14 -7.70 -12.61
N LYS A 142 26.54 -6.54 -13.12
CA LYS A 142 26.72 -5.36 -12.29
C LYS A 142 25.42 -5.01 -11.55
N VAL A 143 24.32 -4.96 -12.30
CA VAL A 143 23.02 -4.56 -11.74
C VAL A 143 22.55 -5.53 -10.67
N VAL A 144 22.49 -6.82 -11.01
CA VAL A 144 21.96 -7.83 -10.08
C VAL A 144 22.87 -8.12 -8.88
N PHE A 145 24.19 -8.02 -9.05
CA PHE A 145 25.14 -8.18 -7.92
C PHE A 145 25.05 -7.04 -6.91
N GLU A 146 24.92 -5.83 -7.42
CA GLU A 146 24.76 -4.63 -6.60
C GLU A 146 23.43 -4.63 -5.82
N GLN A 147 22.33 -4.93 -6.52
CA GLN A 147 21.03 -5.10 -5.89
C GLN A 147 21.11 -6.18 -4.82
N THR A 148 21.76 -7.30 -5.14
CA THR A 148 21.93 -8.42 -4.20
C THR A 148 22.80 -8.03 -2.98
N LYS A 149 23.81 -7.18 -3.20
CA LYS A 149 24.71 -6.74 -2.13
C LYS A 149 23.96 -5.93 -1.08
N VAL A 150 23.17 -4.97 -1.55
CA VAL A 150 22.33 -4.14 -0.68
C VAL A 150 21.40 -5.03 0.17
N ILE A 151 20.82 -6.07 -0.44
CA ILE A 151 20.06 -7.09 0.29
C ILE A 151 20.97 -7.82 1.31
N ALA A 152 22.14 -8.26 0.87
CA ALA A 152 23.09 -9.00 1.71
C ALA A 152 23.63 -8.21 2.91
N ASP A 153 23.80 -6.89 2.74
CA ASP A 153 24.18 -5.99 3.83
C ASP A 153 23.16 -5.96 4.98
N ASN A 154 21.90 -6.24 4.66
CA ASN A 154 20.79 -6.17 5.61
C ASN A 154 20.23 -7.53 6.01
N VAL A 155 20.96 -8.60 5.70
CA VAL A 155 20.58 -9.96 6.06
C VAL A 155 21.65 -10.54 7.00
N LYS A 156 21.21 -11.02 8.16
CA LYS A 156 22.06 -11.80 9.08
C LYS A 156 21.80 -13.29 8.93
N ASP A 157 20.52 -13.68 8.95
CA ASP A 157 20.10 -15.08 8.87
C ASP A 157 19.51 -15.38 7.47
N TRP A 158 20.31 -16.05 6.63
CA TRP A 158 19.92 -16.39 5.26
C TRP A 158 18.91 -17.52 5.16
N SER A 159 18.69 -18.26 6.25
CA SER A 159 17.61 -19.25 6.31
C SER A 159 16.22 -18.62 6.19
N LYS A 160 16.11 -17.32 6.48
CA LYS A 160 14.85 -16.57 6.40
C LYS A 160 14.64 -15.84 5.06
N VAL A 161 15.58 -15.98 4.12
CA VAL A 161 15.55 -15.25 2.86
C VAL A 161 15.47 -16.20 1.66
N VAL A 162 14.77 -15.74 0.63
CA VAL A 162 14.74 -16.37 -0.69
C VAL A 162 15.00 -15.25 -1.68
N LEU A 163 15.93 -15.46 -2.62
CA LEU A 163 16.21 -14.49 -3.68
C LEU A 163 15.37 -14.83 -4.89
N ALA A 164 14.75 -13.82 -5.51
CA ALA A 164 13.95 -13.99 -6.72
C ALA A 164 14.54 -13.16 -7.85
N TYR A 165 14.99 -13.82 -8.91
CA TYR A 165 15.49 -13.12 -10.10
C TYR A 165 14.34 -12.80 -11.07
N GLU A 166 14.18 -11.51 -11.36
CA GLU A 166 13.16 -11.02 -12.28
C GLU A 166 13.79 -10.50 -13.55
N PRO A 167 13.69 -11.25 -14.67
CA PRO A 167 14.18 -10.69 -15.92
C PRO A 167 13.26 -9.56 -16.42
N VAL A 168 13.45 -8.37 -15.85
CA VAL A 168 12.61 -7.20 -16.15
C VAL A 168 12.71 -6.84 -17.65
N TRP A 169 13.89 -7.08 -18.22
CA TRP A 169 14.13 -6.99 -19.67
C TRP A 169 13.18 -7.76 -20.59
N ALA A 170 12.51 -8.79 -20.05
CA ALA A 170 11.55 -9.60 -20.79
C ALA A 170 10.06 -9.29 -20.52
N ILE A 171 9.75 -8.20 -19.81
CA ILE A 171 8.36 -7.82 -19.50
C ILE A 171 7.81 -6.84 -20.53
N GLY A 172 7.03 -7.37 -21.48
CA GLY A 172 6.39 -6.56 -22.51
C GLY A 172 7.34 -5.80 -23.41
N THR A 173 8.55 -6.31 -23.57
CA THR A 173 9.63 -5.63 -24.27
C THR A 173 9.84 -6.09 -25.72
N GLY A 174 9.35 -7.29 -26.04
CA GLY A 174 9.64 -7.93 -27.31
C GLY A 174 10.76 -8.96 -27.24
N LYS A 175 11.37 -9.10 -26.05
CA LYS A 175 12.34 -10.15 -25.79
C LYS A 175 11.78 -11.07 -24.72
N THR A 176 12.26 -12.30 -24.68
CA THR A 176 11.89 -13.28 -23.65
C THR A 176 13.13 -14.06 -23.24
N ALA A 177 13.09 -14.63 -22.05
CA ALA A 177 14.21 -15.38 -21.50
C ALA A 177 14.04 -16.85 -21.78
N THR A 178 15.12 -17.49 -22.23
CA THR A 178 15.16 -18.94 -22.33
C THR A 178 15.52 -19.52 -20.95
N PRO A 179 15.26 -20.82 -20.74
CA PRO A 179 15.69 -21.52 -19.52
C PRO A 179 17.21 -21.46 -19.26
N GLN A 180 17.99 -21.38 -20.34
CA GLN A 180 19.45 -21.31 -20.26
C GLN A 180 19.85 -19.91 -19.78
N GLN A 181 19.22 -18.88 -20.36
CA GLN A 181 19.45 -17.50 -19.94
C GLN A 181 19.08 -17.26 -18.46
N ALA A 182 17.99 -17.88 -18.02
CA ALA A 182 17.61 -17.89 -16.60
C ALA A 182 18.68 -18.56 -15.73
N GLN A 183 19.08 -19.76 -16.16
CA GLN A 183 20.08 -20.57 -15.45
C GLN A 183 21.42 -19.84 -15.27
N GLU A 184 21.90 -19.14 -16.30
CA GLU A 184 23.22 -18.50 -16.20
C GLU A 184 23.23 -17.35 -15.18
N VAL A 185 22.14 -16.58 -15.12
CA VAL A 185 22.01 -15.52 -14.10
C VAL A 185 21.93 -16.16 -12.71
N HIS A 186 21.12 -17.21 -12.59
CA HIS A 186 20.99 -17.93 -11.32
C HIS A 186 22.30 -18.52 -10.78
N GLU A 187 23.13 -19.09 -11.67
CA GLU A 187 24.42 -19.66 -11.24
C GLU A 187 25.40 -18.56 -10.84
N LYS A 188 25.40 -17.46 -11.60
CA LYS A 188 26.19 -16.27 -11.24
C LYS A 188 25.83 -15.74 -9.86
N LEU A 189 24.53 -15.66 -9.57
CA LEU A 189 24.04 -15.21 -8.26
C LEU A 189 24.44 -16.17 -7.14
N ARG A 190 24.40 -17.48 -7.41
CA ARG A 190 24.80 -18.49 -6.41
C ARG A 190 26.29 -18.38 -6.11
N GLY A 191 27.09 -18.16 -7.16
CA GLY A 191 28.52 -17.91 -7.01
C GLY A 191 28.82 -16.66 -6.19
N TRP A 192 27.99 -15.63 -6.36
CA TRP A 192 28.09 -14.40 -5.57
C TRP A 192 27.93 -14.71 -4.07
N LEU A 193 26.90 -15.46 -3.72
CA LEU A 193 26.67 -15.88 -2.34
C LEU A 193 27.88 -16.65 -1.77
N LYS A 194 28.41 -17.61 -2.54
CA LYS A 194 29.61 -18.36 -2.15
C LYS A 194 30.80 -17.44 -1.94
N SER A 195 31.05 -16.58 -2.93
CA SER A 195 32.14 -15.60 -2.89
C SER A 195 32.03 -14.59 -1.73
N ASN A 196 30.85 -14.02 -1.54
CA ASN A 196 30.69 -12.83 -0.68
C ASN A 196 30.11 -13.07 0.71
N VAL A 197 29.56 -14.24 0.98
CA VAL A 197 29.06 -14.53 2.34
C VAL A 197 29.55 -15.89 2.87
N SER A 198 29.29 -16.97 2.16
CA SER A 198 29.54 -18.32 2.68
C SER A 198 29.18 -19.38 1.65
N ASP A 199 29.95 -20.47 1.64
CA ASP A 199 29.66 -21.64 0.80
C ASP A 199 28.39 -22.35 1.29
N ALA A 200 28.20 -22.39 2.62
CA ALA A 200 26.98 -22.95 3.22
C ALA A 200 25.73 -22.16 2.81
N VAL A 201 25.87 -20.84 2.73
CA VAL A 201 24.76 -19.95 2.33
C VAL A 201 24.43 -20.14 0.85
N ALA A 202 25.47 -20.23 0.01
CA ALA A 202 25.31 -20.49 -1.43
C ALA A 202 24.55 -21.78 -1.71
N GLN A 203 24.88 -22.84 -0.96
CA GLN A 203 24.27 -24.15 -1.16
C GLN A 203 22.85 -24.24 -0.59
N SER A 204 22.55 -23.49 0.47
CA SER A 204 21.25 -23.60 1.16
C SER A 204 20.22 -22.52 0.80
N THR A 205 20.65 -21.46 0.09
CA THR A 205 19.74 -20.36 -0.30
C THR A 205 19.00 -20.68 -1.60
N ARG A 206 17.66 -20.59 -1.55
CA ARG A 206 16.83 -20.75 -2.73
C ARG A 206 16.98 -19.47 -3.58
N ILE A 207 17.31 -19.65 -4.87
CA ILE A 207 17.27 -18.57 -5.86
C ILE A 207 16.14 -18.98 -6.81
N ILE A 208 15.04 -18.24 -6.75
CA ILE A 208 13.81 -18.58 -7.52
C ILE A 208 13.67 -17.70 -8.75
N TYR A 209 13.07 -18.27 -9.79
CA TYR A 209 12.92 -17.55 -11.05
C TYR A 209 11.59 -16.80 -11.07
N GLY A 210 11.66 -15.50 -11.35
CA GLY A 210 10.50 -14.62 -11.32
C GLY A 210 10.05 -14.12 -12.68
N GLY A 211 10.58 -14.69 -13.75
CA GLY A 211 10.10 -14.38 -15.10
C GLY A 211 8.89 -15.21 -15.46
N SER A 212 8.48 -15.12 -16.73
CA SER A 212 7.29 -15.82 -17.19
C SER A 212 7.42 -17.32 -16.95
N VAL A 213 6.46 -17.88 -16.22
CA VAL A 213 6.40 -19.33 -16.02
C VAL A 213 4.95 -19.80 -16.08
N THR A 214 4.75 -20.91 -16.79
CA THR A 214 3.45 -21.54 -16.97
C THR A 214 3.58 -23.03 -16.64
N GLY A 215 2.45 -23.72 -16.58
CA GLY A 215 2.44 -25.17 -16.42
C GLY A 215 3.16 -25.91 -17.52
N ALA A 216 3.10 -25.37 -18.73
CA ALA A 216 3.79 -25.92 -19.88
C ALA A 216 5.31 -25.76 -19.79
N THR A 217 5.76 -24.64 -19.21
CA THR A 217 7.19 -24.31 -19.16
C THR A 217 7.90 -24.62 -17.83
N CYS A 218 7.16 -24.91 -16.75
CA CYS A 218 7.76 -24.98 -15.42
C CYS A 218 8.74 -26.14 -15.19
N LYS A 219 8.48 -27.30 -15.81
CA LYS A 219 9.32 -28.49 -15.56
C LYS A 219 10.74 -28.32 -16.09
N GLU A 220 10.84 -27.80 -17.31
CA GLU A 220 12.14 -27.50 -17.92
C GLU A 220 12.91 -26.43 -17.14
N LEU A 221 12.21 -25.37 -16.74
CA LEU A 221 12.81 -24.31 -15.91
C LEU A 221 13.25 -24.82 -14.53
N ALA A 222 12.42 -25.63 -13.89
CA ALA A 222 12.74 -26.21 -12.57
C ALA A 222 13.90 -27.21 -12.62
N SER A 223 14.07 -27.89 -13.75
CA SER A 223 15.16 -28.87 -13.93
C SER A 223 16.54 -28.21 -14.04
N GLN A 224 16.58 -26.90 -14.31
CA GLN A 224 17.85 -26.17 -14.33
C GLN A 224 18.50 -26.24 -12.94
N PRO A 225 19.81 -26.59 -12.87
CA PRO A 225 20.45 -26.90 -11.57
C PRO A 225 20.41 -25.79 -10.52
N ASP A 226 20.48 -24.54 -10.93
CA ASP A 226 20.48 -23.39 -10.01
C ASP A 226 19.15 -22.63 -9.89
N VAL A 227 18.08 -23.17 -10.49
CA VAL A 227 16.74 -22.62 -10.37
C VAL A 227 15.97 -23.45 -9.35
N ASP A 228 15.67 -22.87 -8.19
CA ASP A 228 15.06 -23.59 -7.05
C ASP A 228 13.56 -23.35 -6.87
N GLY A 229 12.90 -22.86 -7.91
CA GLY A 229 11.48 -22.57 -7.88
C GLY A 229 11.15 -21.25 -8.55
N PHE A 230 9.97 -20.72 -8.24
CA PHE A 230 9.41 -19.59 -8.96
C PHE A 230 8.68 -18.59 -8.06
N LEU A 231 8.71 -17.33 -8.49
CA LEU A 231 7.77 -16.32 -8.02
C LEU A 231 6.82 -16.09 -9.19
N VAL A 232 5.61 -16.62 -9.07
CA VAL A 232 4.68 -16.75 -10.19
C VAL A 232 3.72 -15.58 -10.25
N GLY A 233 3.54 -15.05 -11.45
CA GLY A 233 2.61 -13.95 -11.70
C GLY A 233 1.20 -14.45 -12.00
N GLY A 234 0.77 -14.26 -13.25
CA GLY A 234 -0.61 -14.52 -13.66
C GLY A 234 -1.13 -15.92 -13.37
N ALA A 235 -0.29 -16.92 -13.62
CA ALA A 235 -0.67 -18.32 -13.38
C ALA A 235 -1.01 -18.63 -11.90
N SER A 236 -0.51 -17.82 -10.98
CA SER A 236 -0.80 -17.96 -9.55
C SER A 236 -2.27 -17.75 -9.18
N LEU A 237 -3.02 -17.07 -10.04
CA LEU A 237 -4.47 -16.87 -9.86
C LEU A 237 -5.34 -18.01 -10.42
N LYS A 238 -4.71 -19.03 -11.01
CA LYS A 238 -5.41 -20.14 -11.68
C LYS A 238 -5.01 -21.51 -11.10
N PRO A 239 -5.84 -22.56 -11.32
CA PRO A 239 -5.47 -23.92 -10.91
C PRO A 239 -4.12 -24.38 -11.47
N GLU A 240 -3.75 -23.85 -12.64
CA GLU A 240 -2.39 -23.98 -13.22
C GLU A 240 -1.24 -23.75 -12.24
N PHE A 241 -1.45 -22.91 -11.23
CA PHE A 241 -0.49 -22.75 -10.14
C PHE A 241 -0.10 -24.08 -9.49
N VAL A 242 -1.06 -24.99 -9.35
CA VAL A 242 -0.81 -26.30 -8.76
C VAL A 242 0.13 -27.15 -9.66
N ASP A 243 -0.01 -27.02 -10.98
CA ASP A 243 0.97 -27.63 -11.90
C ASP A 243 2.39 -27.10 -11.67
N ILE A 244 2.50 -25.80 -11.37
CA ILE A 244 3.80 -25.18 -11.09
C ILE A 244 4.33 -25.63 -9.72
N ILE A 245 3.43 -25.82 -8.74
CA ILE A 245 3.80 -26.45 -7.46
C ILE A 245 4.35 -27.87 -7.69
N ASN A 246 3.77 -28.60 -8.65
CA ASN A 246 4.21 -29.96 -9.02
C ASN A 246 5.40 -30.05 -9.98
N ALA A 247 6.10 -28.94 -10.23
CA ALA A 247 7.13 -28.86 -11.30
C ALA A 247 8.32 -29.82 -11.17
N LYS A 248 8.63 -30.25 -9.94
CA LYS A 248 9.70 -31.22 -9.69
C LYS A 248 9.22 -32.68 -9.61
N GLN A 249 7.91 -32.90 -9.74
CA GLN A 249 7.32 -34.23 -9.63
C GLN A 249 7.24 -34.92 -10.99
N PRO B 3 -29.61 24.19 1.56
CA PRO B 3 -28.35 24.63 2.15
C PRO B 3 -27.82 23.71 3.27
N SER B 4 -26.83 24.19 4.01
CA SER B 4 -26.31 23.56 5.26
C SER B 4 -25.36 22.37 4.98
N ARG B 5 -24.06 22.61 5.12
CA ARG B 5 -23.03 21.59 4.92
C ARG B 5 -22.87 20.73 6.17
N LYS B 6 -22.99 19.41 6.01
CA LYS B 6 -22.92 18.47 7.13
C LYS B 6 -21.49 18.39 7.68
N PHE B 7 -21.35 18.51 9.00
CA PHE B 7 -20.04 18.52 9.68
C PHE B 7 -19.36 17.16 9.48
N PHE B 8 -18.08 17.19 9.12
CA PHE B 8 -17.36 15.97 8.72
C PHE B 8 -16.10 15.80 9.57
N VAL B 9 -16.00 14.66 10.27
CA VAL B 9 -14.78 14.34 11.02
C VAL B 9 -14.20 13.01 10.55
N GLY B 10 -13.02 13.09 9.92
CA GLY B 10 -12.27 11.92 9.48
C GLY B 10 -11.13 11.60 10.43
N GLY B 11 -10.95 10.32 10.76
CA GLY B 11 -9.84 9.87 11.59
C GLY B 11 -8.85 9.05 10.79
N ASN B 12 -7.64 9.59 10.59
CA ASN B 12 -6.57 8.89 9.86
C ASN B 12 -5.63 8.22 10.86
N TRP B 13 -5.77 6.90 10.99
CA TRP B 13 -4.96 6.13 11.92
C TRP B 13 -3.52 5.97 11.41
N LYS B 14 -3.33 6.20 10.11
CA LYS B 14 -2.04 6.07 9.43
C LYS B 14 -1.49 4.66 9.63
N MET B 15 -0.18 4.50 9.82
CA MET B 15 0.40 3.18 10.01
C MET B 15 0.55 2.90 11.50
N ASN B 16 -0.60 2.71 12.17
CA ASN B 16 -0.64 2.51 13.61
C ASN B 16 -1.65 1.46 13.98
N GLY B 17 -1.29 0.64 14.95
CA GLY B 17 -2.20 -0.28 15.62
C GLY B 17 -2.09 -1.71 15.14
N ARG B 18 -2.56 -2.61 16.00
CA ARG B 18 -2.73 -4.01 15.68
C ARG B 18 -4.18 -4.36 16.00
N LYS B 19 -4.59 -5.58 15.70
CA LYS B 19 -5.98 -6.02 15.93
C LYS B 19 -6.49 -5.71 17.35
N GLN B 20 -5.67 -6.03 18.36
CA GLN B 20 -6.07 -5.86 19.75
C GLN B 20 -6.19 -4.38 20.17
N SER B 21 -5.18 -3.56 19.86
CA SER B 21 -5.20 -2.14 20.19
C SER B 21 -6.25 -1.37 19.37
N LEU B 22 -6.42 -1.74 18.11
CA LEU B 22 -7.49 -1.15 17.28
C LEU B 22 -8.87 -1.67 17.68
N GLY B 23 -8.95 -2.88 18.23
CA GLY B 23 -10.16 -3.39 18.84
C GLY B 23 -10.61 -2.52 20.01
N GLU B 24 -9.66 -2.13 20.86
CA GLU B 24 -9.94 -1.25 21.99
C GLU B 24 -10.36 0.14 21.52
N LEU B 25 -9.65 0.70 20.54
CA LEU B 25 -10.03 1.99 19.94
C LEU B 25 -11.45 1.93 19.34
N ILE B 26 -11.73 0.86 18.61
CA ILE B 26 -13.05 0.66 17.99
C ILE B 26 -14.18 0.54 19.03
N GLY B 27 -13.89 -0.16 20.14
CA GLY B 27 -14.84 -0.26 21.25
C GLY B 27 -15.17 1.09 21.86
N THR B 28 -14.16 1.93 22.02
CA THR B 28 -14.33 3.30 22.48
C THR B 28 -15.18 4.16 21.53
N LEU B 29 -14.97 3.99 20.21
CA LEU B 29 -15.74 4.73 19.22
C LEU B 29 -17.21 4.30 19.19
N ASN B 30 -17.45 3.00 19.17
CA ASN B 30 -18.81 2.43 19.22
C ASN B 30 -19.63 2.94 20.41
N ALA B 31 -19.00 3.03 21.59
CA ALA B 31 -19.68 3.50 22.80
C ALA B 31 -20.01 5.00 22.78
N ALA B 32 -19.19 5.79 22.09
CA ALA B 32 -19.35 7.25 22.08
C ALA B 32 -20.63 7.71 21.39
N LYS B 33 -21.15 8.85 21.84
CA LYS B 33 -22.32 9.48 21.23
C LYS B 33 -21.89 10.21 19.97
N VAL B 34 -22.41 9.77 18.82
CA VAL B 34 -22.18 10.41 17.53
C VAL B 34 -23.43 11.23 17.18
N PRO B 35 -23.34 12.57 17.20
CA PRO B 35 -24.50 13.39 16.77
C PRO B 35 -24.90 13.16 15.31
N ALA B 36 -26.19 13.29 15.02
CA ALA B 36 -26.70 13.22 13.64
C ALA B 36 -26.25 14.42 12.78
N ASP B 37 -25.83 15.50 13.43
CA ASP B 37 -25.13 16.61 12.76
C ASP B 37 -23.85 16.15 12.06
N THR B 38 -23.12 15.23 12.70
CA THR B 38 -21.76 14.84 12.29
C THR B 38 -21.71 13.59 11.40
N GLU B 39 -20.82 13.62 10.41
CA GLU B 39 -20.49 12.47 9.55
C GLU B 39 -19.06 12.01 9.91
N VAL B 40 -18.95 10.81 10.47
CA VAL B 40 -17.67 10.28 10.96
C VAL B 40 -17.14 9.19 10.03
N VAL B 41 -15.84 9.29 9.69
CA VAL B 41 -15.15 8.32 8.83
C VAL B 41 -13.81 7.97 9.47
N CYS B 42 -13.47 6.69 9.47
CA CYS B 42 -12.19 6.21 10.03
C CYS B 42 -11.38 5.50 8.94
N ALA B 43 -10.09 5.82 8.87
CA ALA B 43 -9.20 5.26 7.86
C ALA B 43 -8.16 4.35 8.51
N PRO B 44 -8.43 3.02 8.57
CA PRO B 44 -7.44 2.12 9.17
C PRO B 44 -6.27 1.80 8.25
N PRO B 45 -5.19 1.23 8.82
CA PRO B 45 -4.14 0.67 7.98
C PRO B 45 -4.75 -0.32 7.00
N THR B 46 -4.18 -0.42 5.80
CA THR B 46 -4.76 -1.20 4.69
C THR B 46 -4.97 -2.70 5.01
N ALA B 47 -4.11 -3.25 5.86
CA ALA B 47 -4.25 -4.62 6.36
C ALA B 47 -5.50 -4.83 7.21
N TYR B 48 -6.02 -3.75 7.81
CA TYR B 48 -7.18 -3.81 8.71
C TYR B 48 -8.46 -3.12 8.22
N ILE B 49 -8.61 -2.89 6.91
CA ILE B 49 -9.84 -2.26 6.40
C ILE B 49 -11.05 -3.16 6.69
N ASP B 50 -10.91 -4.42 6.31
CA ASP B 50 -11.95 -5.45 6.51
C ASP B 50 -12.26 -5.63 8.01
N PHE B 51 -11.22 -5.86 8.81
CA PHE B 51 -11.32 -5.97 10.27
C PHE B 51 -12.03 -4.77 10.92
N ALA B 52 -11.65 -3.56 10.53
CA ALA B 52 -12.24 -2.34 11.11
C ALA B 52 -13.73 -2.23 10.78
N ARG B 53 -14.09 -2.54 9.53
CA ARG B 53 -15.49 -2.48 9.09
C ARG B 53 -16.36 -3.49 9.86
N GLN B 54 -15.84 -4.70 10.08
CA GLN B 54 -16.55 -5.73 10.84
C GLN B 54 -16.82 -5.36 12.30
N LYS B 55 -15.87 -4.66 12.95
CA LYS B 55 -16.01 -4.28 14.37
C LYS B 55 -16.77 -2.97 14.57
N LEU B 56 -16.57 -2.00 13.67
CA LEU B 56 -17.18 -0.68 13.81
C LEU B 56 -18.69 -0.72 13.66
N ASP B 57 -19.37 0.11 14.44
CA ASP B 57 -20.81 0.30 14.33
C ASP B 57 -21.08 0.99 12.98
N PRO B 58 -22.15 0.57 12.25
CA PRO B 58 -22.40 1.14 10.92
C PRO B 58 -22.55 2.67 10.84
N LYS B 59 -22.85 3.32 11.97
CA LYS B 59 -22.84 4.78 12.06
C LYS B 59 -21.50 5.42 11.63
N ILE B 60 -20.39 4.72 11.88
CA ILE B 60 -19.06 5.17 11.43
C ILE B 60 -18.70 4.50 10.09
N ALA B 61 -18.32 5.30 9.10
CA ALA B 61 -17.90 4.78 7.80
C ALA B 61 -16.41 4.42 7.83
N VAL B 62 -15.98 3.52 6.94
CA VAL B 62 -14.56 3.14 6.84
C VAL B 62 -13.98 3.62 5.52
N ALA B 63 -12.76 4.15 5.59
CA ALA B 63 -12.01 4.65 4.44
C ALA B 63 -10.69 3.91 4.27
N ALA B 64 -10.30 3.68 3.01
CA ALA B 64 -8.93 3.29 2.69
C ALA B 64 -8.04 4.52 2.76
N GLN B 65 -6.75 4.30 3.06
CA GLN B 65 -5.77 5.36 3.19
C GLN B 65 -5.15 5.76 1.84
N ASN B 66 -5.25 4.86 0.86
CA ASN B 66 -4.79 5.10 -0.51
C ASN B 66 -5.40 4.00 -1.41
N CYS B 67 -5.32 4.18 -2.73
CA CYS B 67 -5.69 3.14 -3.69
C CYS B 67 -4.98 3.41 -5.01
N TYR B 68 -5.10 2.49 -5.97
CA TYR B 68 -4.56 2.72 -7.32
C TYR B 68 -5.69 3.10 -8.30
N LYS B 69 -5.35 3.24 -9.58
CA LYS B 69 -6.18 3.91 -10.59
C LYS B 69 -6.74 2.97 -11.67
N VAL B 70 -6.54 1.66 -11.51
CA VAL B 70 -7.24 0.64 -12.30
C VAL B 70 -7.87 -0.40 -11.37
N THR B 71 -8.83 -1.14 -11.91
CA THR B 71 -9.58 -2.12 -11.12
C THR B 71 -8.78 -3.36 -10.73
N ASN B 72 -7.90 -3.81 -11.62
CA ASN B 72 -7.05 -4.98 -11.41
C ASN B 72 -5.78 -4.79 -12.23
N GLY B 73 -4.65 -5.31 -11.77
CA GLY B 73 -3.46 -5.35 -12.62
C GLY B 73 -2.16 -5.73 -11.94
N ALA B 74 -1.08 -5.54 -12.70
CA ALA B 74 0.26 -5.90 -12.29
C ALA B 74 0.87 -4.77 -11.46
N PHE B 75 0.36 -4.61 -10.24
CA PHE B 75 0.78 -3.52 -9.35
C PHE B 75 0.92 -4.07 -7.93
N THR B 76 1.95 -4.90 -7.77
CA THR B 76 2.35 -5.48 -6.48
C THR B 76 2.38 -4.39 -5.42
N GLY B 77 1.66 -4.62 -4.32
CA GLY B 77 1.59 -3.68 -3.19
C GLY B 77 0.48 -2.64 -3.23
N GLU B 78 -0.34 -2.65 -4.29
CA GLU B 78 -1.46 -1.71 -4.43
C GLU B 78 -2.80 -2.39 -4.14
N ILE B 79 -3.80 -1.58 -3.82
CA ILE B 79 -5.19 -2.02 -3.78
C ILE B 79 -6.05 -1.11 -4.64
N SER B 80 -7.14 -1.67 -5.17
CA SER B 80 -8.06 -0.92 -6.03
C SER B 80 -9.35 -0.55 -5.28
N PRO B 81 -10.08 0.46 -5.78
CA PRO B 81 -11.42 0.78 -5.25
C PRO B 81 -12.39 -0.40 -5.17
N GLY B 82 -12.35 -1.28 -6.18
CA GLY B 82 -13.13 -2.52 -6.15
C GLY B 82 -12.89 -3.35 -4.90
N MET B 83 -11.62 -3.46 -4.49
CA MET B 83 -11.25 -4.22 -3.28
C MET B 83 -11.72 -3.50 -2.03
N ILE B 84 -11.63 -2.18 -2.05
CA ILE B 84 -12.03 -1.36 -0.92
C ILE B 84 -13.54 -1.53 -0.69
N LYS B 85 -14.34 -1.33 -1.75
CA LYS B 85 -15.79 -1.61 -1.69
C LYS B 85 -16.09 -3.02 -1.23
N ASP B 86 -15.38 -3.99 -1.81
CA ASP B 86 -15.50 -5.41 -1.47
C ASP B 86 -15.27 -5.72 0.02
N CYS B 87 -14.41 -4.92 0.68
CA CYS B 87 -14.20 -5.02 2.13
C CYS B 87 -15.24 -4.24 2.96
N GLY B 88 -16.20 -3.59 2.32
CA GLY B 88 -17.26 -2.85 3.00
C GLY B 88 -16.93 -1.40 3.32
N ALA B 89 -15.81 -0.90 2.80
CA ALA B 89 -15.45 0.50 2.98
C ALA B 89 -16.10 1.31 1.86
N THR B 90 -16.53 2.53 2.21
CA THR B 90 -17.21 3.44 1.28
C THR B 90 -16.38 4.68 0.88
N TRP B 91 -15.25 4.91 1.56
CA TRP B 91 -14.41 6.08 1.33
C TRP B 91 -12.97 5.70 0.95
N VAL B 92 -12.25 6.65 0.36
CA VAL B 92 -10.81 6.55 0.16
C VAL B 92 -10.16 7.93 0.35
N VAL B 93 -9.03 7.95 1.05
CA VAL B 93 -8.23 9.15 1.19
C VAL B 93 -7.24 9.19 0.03
N LEU B 94 -7.23 10.30 -0.70
CA LEU B 94 -6.35 10.47 -1.85
C LEU B 94 -5.59 11.79 -1.80
N GLY B 95 -4.34 11.75 -2.23
CA GLY B 95 -3.48 12.90 -2.24
C GLY B 95 -2.95 13.35 -0.89
N HIS B 96 -2.99 12.46 0.11
CA HIS B 96 -2.48 12.80 1.45
C HIS B 96 -1.02 13.25 1.40
N SER B 97 -0.67 14.23 2.24
CA SER B 97 0.67 14.83 2.25
C SER B 97 1.82 13.80 2.29
N GLU B 98 1.62 12.71 3.02
CA GLU B 98 2.61 11.63 3.09
C GLU B 98 2.75 10.87 1.77
N ARG B 99 1.64 10.63 1.09
CA ARG B 99 1.72 10.06 -0.27
C ARG B 99 2.48 10.98 -1.23
N ARG B 100 2.16 12.27 -1.17
CA ARG B 100 2.77 13.26 -2.06
C ARG B 100 4.25 13.49 -1.78
N HIS B 101 4.60 13.65 -0.51
CA HIS B 101 5.94 14.14 -0.14
C HIS B 101 6.88 13.10 0.46
N VAL B 102 6.37 11.99 0.97
CA VAL B 102 7.23 10.87 1.38
C VAL B 102 7.37 9.86 0.25
N PHE B 103 6.26 9.56 -0.44
CA PHE B 103 6.23 8.54 -1.50
C PHE B 103 6.07 9.10 -2.93
N GLY B 104 6.22 10.42 -3.07
CA GLY B 104 6.38 11.05 -4.38
C GLY B 104 5.21 10.97 -5.35
N GLU B 105 3.99 10.82 -4.83
CA GLU B 105 2.81 10.77 -5.71
C GLU B 105 2.51 12.14 -6.36
N SER B 106 2.52 12.16 -7.69
CA SER B 106 2.29 13.38 -8.46
C SER B 106 0.80 13.76 -8.50
N ASP B 107 0.55 15.01 -8.84
CA ASP B 107 -0.84 15.48 -9.07
C ASP B 107 -1.56 14.71 -10.17
N GLU B 108 -0.85 14.41 -11.26
CA GLU B 108 -1.41 13.65 -12.38
C GLU B 108 -1.89 12.28 -11.92
N LEU B 109 -1.04 11.58 -11.17
CA LEU B 109 -1.40 10.28 -10.61
C LEU B 109 -2.61 10.40 -9.69
N ILE B 110 -2.55 11.38 -8.79
CA ILE B 110 -3.63 11.61 -7.82
C ILE B 110 -4.94 11.94 -8.54
N GLY B 111 -4.89 12.78 -9.57
CA GLY B 111 -6.07 13.03 -10.41
C GLY B 111 -6.67 11.77 -11.01
N GLN B 112 -5.81 10.91 -11.55
CA GLN B 112 -6.25 9.62 -12.13
C GLN B 112 -6.89 8.70 -11.10
N LYS B 113 -6.33 8.68 -9.88
CA LYS B 113 -6.92 7.89 -8.79
C LYS B 113 -8.30 8.41 -8.39
N VAL B 114 -8.44 9.73 -8.34
CA VAL B 114 -9.75 10.35 -8.03
C VAL B 114 -10.81 9.92 -9.06
N ALA B 115 -10.50 10.09 -10.34
CA ALA B 115 -11.41 9.71 -11.43
C ALA B 115 -11.87 8.26 -11.28
N HIS B 116 -10.92 7.35 -11.07
CA HIS B 116 -11.24 5.92 -10.92
C HIS B 116 -12.06 5.61 -9.67
N ALA B 117 -11.61 6.12 -8.53
CA ALA B 117 -12.33 5.89 -7.26
C ALA B 117 -13.82 6.30 -7.36
N LEU B 118 -14.07 7.47 -7.95
CA LEU B 118 -15.44 8.00 -8.11
C LEU B 118 -16.27 7.18 -9.10
N ALA B 119 -15.66 6.76 -10.21
CA ALA B 119 -16.32 5.87 -11.17
C ALA B 119 -16.73 4.54 -10.56
N GLU B 120 -15.91 4.04 -9.62
CA GLU B 120 -16.15 2.76 -8.94
C GLU B 120 -17.15 2.82 -7.77
N GLY B 121 -17.65 4.01 -7.45
CA GLY B 121 -18.67 4.17 -6.40
C GLY B 121 -18.14 4.52 -5.02
N LEU B 122 -16.84 4.84 -4.91
CA LEU B 122 -16.28 5.31 -3.64
C LEU B 122 -16.46 6.81 -3.47
N ARG B 123 -16.50 7.24 -2.23
CA ARG B 123 -16.40 8.65 -1.87
C ARG B 123 -14.95 8.95 -1.56
N VAL B 124 -14.53 10.20 -1.81
CA VAL B 124 -13.13 10.58 -1.75
C VAL B 124 -12.89 11.74 -0.79
N ILE B 125 -11.94 11.55 0.12
CA ILE B 125 -11.32 12.66 0.85
C ILE B 125 -10.06 13.02 0.07
N ALA B 126 -10.15 14.12 -0.68
CA ALA B 126 -9.07 14.57 -1.54
C ALA B 126 -8.24 15.59 -0.80
N CYS B 127 -6.95 15.33 -0.62
CA CYS B 127 -6.10 16.18 0.23
C CYS B 127 -5.22 17.12 -0.58
N ILE B 128 -5.10 18.35 -0.10
CA ILE B 128 -4.23 19.37 -0.68
C ILE B 128 -3.45 20.10 0.40
N GLY B 129 -2.40 20.83 0.01
CA GLY B 129 -1.68 21.70 0.93
C GLY B 129 -0.25 22.00 0.53
N GLU B 130 0.25 23.12 1.07
CA GLU B 130 1.58 23.64 0.74
C GLU B 130 2.60 23.37 1.86
N LYS B 131 3.85 23.18 1.45
CA LYS B 131 4.97 23.02 2.37
C LYS B 131 5.44 24.39 2.90
N LEU B 132 6.36 24.38 3.87
CA LEU B 132 6.82 25.62 4.51
C LEU B 132 7.62 26.54 3.56
N ASP B 133 8.44 25.96 2.68
CA ASP B 133 9.14 26.74 1.66
C ASP B 133 8.20 27.41 0.65
N GLU B 134 7.09 26.74 0.33
CA GLU B 134 6.02 27.31 -0.51
C GLU B 134 5.21 28.39 0.24
N ARG B 135 4.97 28.16 1.52
CA ARG B 135 4.28 29.13 2.41
C ARG B 135 5.14 30.40 2.60
N GLU B 136 6.39 30.22 3.03
CA GLU B 136 7.31 31.35 3.28
C GLU B 136 7.71 32.14 2.02
N ALA B 137 7.52 31.56 0.83
CA ALA B 137 7.76 32.25 -0.44
C ALA B 137 6.50 32.90 -1.05
N GLY B 138 5.38 32.87 -0.33
CA GLY B 138 4.18 33.62 -0.71
C GLY B 138 3.33 33.01 -1.81
N ILE B 139 3.34 31.69 -1.95
CA ILE B 139 2.68 31.03 -3.09
C ILE B 139 1.71 29.89 -2.70
N THR B 140 1.03 30.01 -1.57
CA THR B 140 0.11 28.95 -1.11
C THR B 140 -1.11 28.84 -2.03
N GLU B 141 -1.65 30.00 -2.44
CA GLU B 141 -2.77 30.05 -3.40
C GLU B 141 -2.45 29.29 -4.67
N LYS B 142 -1.32 29.61 -5.30
CA LYS B 142 -0.90 28.94 -6.53
C LYS B 142 -0.80 27.43 -6.30
N VAL B 143 -0.16 27.02 -5.21
CA VAL B 143 0.05 25.60 -4.90
C VAL B 143 -1.26 24.88 -4.63
N VAL B 144 -2.10 25.40 -3.73
CA VAL B 144 -3.36 24.74 -3.38
C VAL B 144 -4.43 24.82 -4.47
N PHE B 145 -4.45 25.91 -5.26
CA PHE B 145 -5.39 26.02 -6.39
C PHE B 145 -5.04 25.02 -7.50
N GLU B 146 -3.75 24.94 -7.84
CA GLU B 146 -3.30 23.97 -8.86
C GLU B 146 -3.60 22.52 -8.44
N GLN B 147 -3.34 22.20 -7.18
CA GLN B 147 -3.71 20.89 -6.62
C GLN B 147 -5.22 20.66 -6.70
N THR B 148 -6.01 21.67 -6.34
CA THR B 148 -7.48 21.59 -6.40
C THR B 148 -7.99 21.49 -7.84
N LYS B 149 -7.29 22.11 -8.79
CA LYS B 149 -7.69 22.03 -10.21
C LYS B 149 -7.58 20.62 -10.76
N VAL B 150 -6.48 19.94 -10.43
CA VAL B 150 -6.26 18.57 -10.94
C VAL B 150 -7.33 17.61 -10.39
N ILE B 151 -7.65 17.74 -9.11
CA ILE B 151 -8.76 17.02 -8.49
C ILE B 151 -10.08 17.37 -9.19
N ALA B 152 -10.36 18.66 -9.33
CA ALA B 152 -11.60 19.16 -9.96
C ALA B 152 -11.82 18.62 -11.39
N ASP B 153 -10.75 18.59 -12.16
CA ASP B 153 -10.76 17.99 -13.50
C ASP B 153 -11.21 16.52 -13.55
N ASN B 154 -11.07 15.81 -12.42
CA ASN B 154 -11.40 14.39 -12.32
C ASN B 154 -12.61 14.09 -11.46
N VAL B 155 -13.42 15.12 -11.17
CA VAL B 155 -14.64 14.96 -10.39
C VAL B 155 -15.85 15.27 -11.29
N LYS B 156 -16.81 14.36 -11.28
CA LYS B 156 -18.12 14.55 -11.93
C LYS B 156 -19.29 14.57 -10.94
N ASP B 157 -19.06 14.17 -9.68
CA ASP B 157 -20.09 14.21 -8.63
C ASP B 157 -19.47 14.71 -7.31
N TRP B 158 -19.62 16.01 -7.07
CA TRP B 158 -19.07 16.64 -5.86
C TRP B 158 -19.80 16.26 -4.57
N SER B 159 -21.00 15.69 -4.69
CA SER B 159 -21.71 15.12 -3.53
C SER B 159 -20.92 13.98 -2.85
N LYS B 160 -20.02 13.34 -3.60
CA LYS B 160 -19.21 12.22 -3.09
C LYS B 160 -17.76 12.60 -2.75
N VAL B 161 -17.45 13.89 -2.70
CA VAL B 161 -16.09 14.36 -2.46
C VAL B 161 -16.07 15.27 -1.22
N VAL B 162 -14.97 15.20 -0.46
CA VAL B 162 -14.66 16.15 0.60
C VAL B 162 -13.23 16.62 0.35
N LEU B 163 -13.02 17.94 0.38
CA LEU B 163 -11.70 18.53 0.20
C LEU B 163 -11.05 18.74 1.58
N ALA B 164 -9.77 18.36 1.72
CA ALA B 164 -9.07 18.48 3.00
C ALA B 164 -7.80 19.29 2.83
N TYR B 165 -7.80 20.50 3.42
CA TYR B 165 -6.60 21.34 3.40
C TYR B 165 -5.64 20.91 4.51
N GLU B 166 -4.44 20.52 4.11
CA GLU B 166 -3.38 20.10 5.02
C GLU B 166 -2.23 21.08 4.96
N PRO B 167 -2.13 22.00 5.94
CA PRO B 167 -0.92 22.81 6.00
C PRO B 167 0.27 21.94 6.36
N VAL B 168 0.99 21.46 5.34
CA VAL B 168 2.22 20.68 5.53
C VAL B 168 3.29 21.57 6.20
N TRP B 169 3.26 22.87 5.87
CA TRP B 169 4.12 23.89 6.49
C TRP B 169 4.06 23.95 8.01
N ALA B 170 2.89 23.65 8.58
CA ALA B 170 2.69 23.62 10.03
C ALA B 170 2.62 22.18 10.57
N ILE B 171 3.47 21.30 10.06
CA ILE B 171 3.56 19.90 10.53
C ILE B 171 5.05 19.48 10.57
N GLY B 172 5.56 19.23 11.78
CA GLY B 172 6.95 18.82 11.98
C GLY B 172 8.00 19.87 11.69
N THR B 173 7.58 21.15 11.66
CA THR B 173 8.46 22.29 11.38
C THR B 173 8.63 23.25 12.56
N GLY B 174 7.94 22.98 13.67
CA GLY B 174 7.91 23.91 14.81
C GLY B 174 7.12 25.17 14.55
N LYS B 175 6.04 25.05 13.77
CA LYS B 175 5.16 26.18 13.44
C LYS B 175 3.69 25.81 13.70
N THR B 176 2.92 26.79 14.18
CA THR B 176 1.50 26.60 14.51
C THR B 176 0.60 27.38 13.55
N ALA B 177 -0.45 26.71 13.07
CA ALA B 177 -1.45 27.34 12.19
C ALA B 177 -2.62 27.81 13.03
N THR B 178 -2.86 29.12 13.03
CA THR B 178 -3.94 29.70 13.81
C THR B 178 -5.27 29.49 13.08
N PRO B 179 -6.41 29.60 13.80
CA PRO B 179 -7.74 29.49 13.16
C PRO B 179 -8.04 30.52 12.07
N GLN B 180 -7.40 31.68 12.12
CA GLN B 180 -7.57 32.72 11.10
C GLN B 180 -6.84 32.32 9.81
N GLN B 181 -5.66 31.74 9.95
CA GLN B 181 -4.90 31.21 8.79
C GLN B 181 -5.62 30.07 8.09
N ALA B 182 -6.22 29.17 8.87
CA ALA B 182 -7.02 28.07 8.33
C ALA B 182 -8.21 28.62 7.54
N GLN B 183 -8.99 29.49 8.18
CA GLN B 183 -10.14 30.14 7.55
C GLN B 183 -9.79 30.92 6.27
N GLU B 184 -8.59 31.53 6.24
CA GLU B 184 -8.12 32.26 5.06
C GLU B 184 -7.97 31.36 3.83
N VAL B 185 -7.37 30.18 4.03
CA VAL B 185 -7.18 29.22 2.94
C VAL B 185 -8.53 28.61 2.53
N HIS B 186 -9.34 28.20 3.50
CA HIS B 186 -10.66 27.60 3.23
C HIS B 186 -11.61 28.54 2.47
N GLU B 187 -11.58 29.84 2.79
CA GLU B 187 -12.41 30.83 2.09
C GLU B 187 -11.99 30.94 0.62
N LYS B 188 -10.69 31.02 0.39
CA LYS B 188 -10.14 31.12 -0.97
C LYS B 188 -10.35 29.85 -1.81
N LEU B 189 -10.35 28.69 -1.16
CA LEU B 189 -10.67 27.43 -1.83
C LEU B 189 -12.15 27.35 -2.22
N ARG B 190 -13.02 27.82 -1.32
CA ARG B 190 -14.45 27.90 -1.62
C ARG B 190 -14.73 28.90 -2.76
N GLY B 191 -13.98 30.00 -2.76
CA GLY B 191 -14.01 30.96 -3.87
C GLY B 191 -13.52 30.37 -5.17
N TRP B 192 -12.49 29.51 -5.11
CA TRP B 192 -11.99 28.82 -6.29
C TRP B 192 -13.07 27.93 -6.89
N LEU B 193 -13.74 27.14 -6.06
CA LEU B 193 -14.80 26.25 -6.54
C LEU B 193 -15.96 27.02 -7.20
N LYS B 194 -16.33 28.15 -6.60
CA LYS B 194 -17.35 29.06 -7.16
C LYS B 194 -16.93 29.56 -8.53
N SER B 195 -15.75 30.15 -8.59
CA SER B 195 -15.18 30.72 -9.82
C SER B 195 -14.99 29.70 -10.96
N ASN B 196 -14.61 28.46 -10.60
CA ASN B 196 -14.13 27.46 -11.56
C ASN B 196 -15.02 26.24 -11.77
N VAL B 197 -16.01 26.00 -10.90
CA VAL B 197 -16.87 24.82 -11.03
C VAL B 197 -18.34 25.24 -11.08
N SER B 198 -18.87 25.70 -9.94
CA SER B 198 -20.23 26.23 -9.81
C SER B 198 -20.46 26.72 -8.38
N ASP B 199 -21.45 27.59 -8.23
CA ASP B 199 -21.85 28.10 -6.92
C ASP B 199 -22.53 27.01 -6.09
N ALA B 200 -23.22 26.09 -6.75
CA ALA B 200 -23.82 24.93 -6.09
C ALA B 200 -22.74 24.05 -5.43
N VAL B 201 -21.64 23.83 -6.15
CA VAL B 201 -20.49 23.06 -5.65
C VAL B 201 -19.76 23.80 -4.52
N ALA B 202 -19.58 25.12 -4.68
CA ALA B 202 -18.94 25.93 -3.64
C ALA B 202 -19.67 25.89 -2.30
N GLN B 203 -20.99 25.99 -2.33
CA GLN B 203 -21.80 26.05 -1.11
C GLN B 203 -22.10 24.67 -0.48
N SER B 204 -22.09 23.60 -1.28
CA SER B 204 -22.44 22.26 -0.78
C SER B 204 -21.24 21.39 -0.35
N THR B 205 -20.02 21.76 -0.75
CA THR B 205 -18.83 20.93 -0.58
C THR B 205 -18.12 21.19 0.76
N ARG B 206 -17.90 20.12 1.54
CA ARG B 206 -17.14 20.24 2.78
C ARG B 206 -15.66 20.47 2.47
N ILE B 207 -15.09 21.52 3.05
CA ILE B 207 -13.66 21.76 3.05
C ILE B 207 -13.22 21.58 4.50
N ILE B 208 -12.52 20.48 4.78
CA ILE B 208 -12.09 20.14 6.15
C ILE B 208 -10.64 20.53 6.37
N TYR B 209 -10.27 20.68 7.64
CA TYR B 209 -8.92 21.09 8.02
C TYR B 209 -8.10 19.91 8.58
N GLY B 210 -6.85 19.79 8.11
CA GLY B 210 -5.91 18.78 8.61
C GLY B 210 -4.77 19.46 9.34
N GLY B 211 -4.04 18.71 10.17
CA GLY B 211 -2.83 19.21 10.82
C GLY B 211 -3.02 19.75 12.22
N SER B 212 -2.63 18.96 13.22
CA SER B 212 -2.67 19.35 14.64
C SER B 212 -4.06 19.83 15.09
N VAL B 213 -5.02 18.90 15.07
CA VAL B 213 -6.35 19.14 15.63
C VAL B 213 -6.38 18.42 16.97
N THR B 214 -6.60 19.18 18.04
CA THR B 214 -6.71 18.65 19.39
C THR B 214 -8.10 18.96 19.96
N GLY B 215 -8.42 18.32 21.08
CA GLY B 215 -9.69 18.53 21.77
C GLY B 215 -9.86 19.94 22.31
N ALA B 216 -8.74 20.61 22.59
CA ALA B 216 -8.72 22.01 23.02
C ALA B 216 -8.87 22.99 21.85
N THR B 217 -8.17 22.71 20.74
CA THR B 217 -8.17 23.60 19.56
C THR B 217 -9.36 23.43 18.59
N CYS B 218 -10.13 22.36 18.71
CA CYS B 218 -11.16 22.03 17.70
C CYS B 218 -12.35 23.00 17.66
N LYS B 219 -12.84 23.40 18.83
CA LYS B 219 -14.02 24.28 18.93
C LYS B 219 -13.88 25.61 18.18
N GLU B 220 -12.74 26.27 18.35
CA GLU B 220 -12.47 27.55 17.68
C GLU B 220 -12.27 27.37 16.16
N LEU B 221 -11.64 26.26 15.76
CA LEU B 221 -11.46 25.92 14.34
C LEU B 221 -12.79 25.58 13.66
N ALA B 222 -13.62 24.80 14.34
CA ALA B 222 -14.92 24.38 13.80
C ALA B 222 -15.87 25.54 13.53
N SER B 223 -15.84 26.55 14.41
CA SER B 223 -16.73 27.72 14.31
C SER B 223 -16.38 28.66 13.15
N GLN B 224 -15.17 28.53 12.58
CA GLN B 224 -14.80 29.28 11.39
C GLN B 224 -15.77 28.91 10.26
N PRO B 225 -16.34 29.93 9.57
CA PRO B 225 -17.49 29.69 8.68
C PRO B 225 -17.20 28.78 7.47
N ASP B 226 -15.97 28.78 6.96
CA ASP B 226 -15.57 27.93 5.83
C ASP B 226 -14.81 26.64 6.20
N VAL B 227 -14.62 26.41 7.51
CA VAL B 227 -14.04 25.16 8.02
C VAL B 227 -15.20 24.26 8.39
N ASP B 228 -15.36 23.19 7.60
CA ASP B 228 -16.51 22.29 7.71
C ASP B 228 -16.22 21.01 8.49
N GLY B 229 -15.05 20.93 9.14
CA GLY B 229 -14.68 19.75 9.88
C GLY B 229 -13.21 19.46 9.81
N PHE B 230 -12.85 18.19 10.02
CA PHE B 230 -11.47 17.79 10.27
C PHE B 230 -11.06 16.48 9.64
N LEU B 231 -9.78 16.42 9.25
CA LEU B 231 -9.08 15.17 9.03
C LEU B 231 -8.02 15.04 10.13
N VAL B 232 -8.28 14.15 11.09
CA VAL B 232 -7.47 14.05 12.30
C VAL B 232 -6.42 12.97 12.16
N GLY B 233 -5.18 13.29 12.55
CA GLY B 233 -4.08 12.30 12.52
C GLY B 233 -3.89 11.60 13.85
N GLY B 234 -2.84 11.97 14.58
CA GLY B 234 -2.49 11.36 15.86
C GLY B 234 -3.60 11.32 16.89
N ALA B 235 -4.36 12.41 17.00
CA ALA B 235 -5.49 12.48 17.95
C ALA B 235 -6.62 11.47 17.65
N SER B 236 -6.70 10.97 16.42
CA SER B 236 -7.70 9.96 16.03
C SER B 236 -7.47 8.57 16.65
N LEU B 237 -6.29 8.34 17.23
CA LEU B 237 -5.98 7.11 17.97
C LEU B 237 -6.29 7.24 19.48
N LYS B 238 -6.75 8.40 19.93
CA LYS B 238 -6.97 8.72 21.34
C LYS B 238 -8.45 9.06 21.58
N PRO B 239 -8.94 8.93 22.85
CA PRO B 239 -10.37 9.21 23.14
C PRO B 239 -10.78 10.66 22.85
N GLU B 240 -9.83 11.58 22.98
CA GLU B 240 -9.88 12.95 22.46
C GLU B 240 -10.56 13.12 21.07
N PHE B 241 -10.48 12.11 20.22
CA PHE B 241 -11.20 12.08 18.93
C PHE B 241 -12.71 12.30 19.10
N VAL B 242 -13.28 11.78 20.19
CA VAL B 242 -14.71 11.93 20.50
C VAL B 242 -15.05 13.41 20.75
N ASP B 243 -14.13 14.14 21.38
CA ASP B 243 -14.30 15.60 21.59
C ASP B 243 -14.26 16.38 20.27
N ILE B 244 -13.46 15.90 19.31
CA ILE B 244 -13.39 16.50 17.96
C ILE B 244 -14.68 16.19 17.17
N ILE B 245 -15.21 14.98 17.31
CA ILE B 245 -16.54 14.65 16.75
C ILE B 245 -17.64 15.57 17.29
N ASN B 246 -17.54 15.94 18.57
CA ASN B 246 -18.49 16.85 19.23
C ASN B 246 -18.00 18.32 19.26
N ALA B 247 -17.20 18.74 18.27
CA ALA B 247 -16.65 20.11 18.24
C ALA B 247 -17.72 21.19 18.05
N LYS B 248 -18.75 20.91 17.23
CA LYS B 248 -19.88 21.83 17.04
C LYS B 248 -20.84 21.87 18.25
N GLN B 249 -20.84 20.83 19.08
CA GLN B 249 -21.80 20.68 20.17
C GLN B 249 -21.44 21.58 21.36
P PGA C . 6.11 -11.79 -14.00
O1P PGA C . 6.44 -12.00 -12.44
O2P PGA C . 5.17 -12.91 -14.37
O3P PGA C . 7.44 -11.87 -14.71
O4P PGA C . 5.49 -10.41 -14.08
C2 PGA C . 5.55 -11.47 -11.45
C1 PGA C . 5.75 -12.06 -10.07
O1 PGA C . 5.29 -13.19 -9.84
O2 PGA C . 6.35 -11.39 -9.22
C1 GOL D . 19.18 -0.10 -9.42
O1 GOL D . 19.42 -1.30 -8.68
C2 GOL D . 18.61 -0.46 -10.78
O2 GOL D . 17.36 -1.15 -10.63
C3 GOL D . 18.43 0.83 -11.58
O3 GOL D . 17.60 0.60 -12.73
C1 IPA E . -0.25 -1.54 19.14
C2 IPA E . 0.98 -0.77 18.68
C3 IPA E . 2.05 -1.71 18.11
O2 IPA E . 0.60 0.21 17.70
C1 GOL F . 0.46 -10.85 -12.97
O1 GOL F . -0.95 -11.11 -12.97
C2 GOL F . 1.05 -10.74 -14.36
O2 GOL F . 1.19 -9.35 -14.70
C3 GOL F . 2.43 -11.40 -14.49
O3 GOL F . 2.33 -12.71 -15.05
P PGA G . -1.80 15.18 12.40
O1P PGA G . -1.92 14.71 10.86
O2P PGA G . -1.17 14.00 13.11
O3P PGA G . -0.91 16.40 12.33
O4P PGA G . -3.22 15.47 12.83
C2 PGA G . -3.13 14.85 10.13
C1 PGA G . -3.17 13.84 9.02
O1 PGA G . -4.23 13.24 8.75
O2 PGA G . -2.11 13.67 8.38
C1 GOL H . 2.21 5.91 -10.30
O1 GOL H . 1.95 5.08 -11.44
C2 GOL H . 3.64 5.79 -9.76
O2 GOL H . 4.55 6.36 -10.72
C3 GOL H . 3.81 6.51 -8.43
O3 GOL H . 5.16 6.48 -7.95
C1 GOL I . -2.16 1.88 -2.69
O1 GOL I . -2.99 1.18 -3.63
C2 GOL I . -2.17 1.22 -1.32
O2 GOL I . -1.86 -0.18 -1.44
C3 GOL I . -1.17 1.85 -0.35
O3 GOL I . -0.48 3.03 -0.83
#